data_6KKN
#
_entry.id   6KKN
#
_cell.length_a   94.740
_cell.length_b   94.740
_cell.length_c   117.980
_cell.angle_alpha   90.000
_cell.angle_beta   90.000
_cell.angle_gamma   120.000
#
_symmetry.space_group_name_H-M   'P 32 2 1'
#
_entity_poly.entity_id   1
_entity_poly.type   'polypeptide(L)'
_entity_poly.pdbx_seq_one_letter_code
;MGHHHHHHHHHHSSGMTELPPNAPNPENATNELAQELLRKLRQKQGNWVEWGQAIASLQKSGYNPQDIFEATGFEPVQQN
QVIVGSQVYNSLEKSGASAATLAHYATRGSDVLYELRLLTHEERAAAGDLTFTHKVDADEAREIAKAIKDFSRFRILPEG
FSNHPGDAVAYQAWKLARQYSDLQERSRLIARGLRFAHSETARKQIEQLLVDFTVVSQRPAPIPPFFRFDTEDELPRIVP
VVGQLPLKAEELKAVPLVEEIEPFRLVKFSGEQAWVALPGWQVLLAAEDPVTILATSDRFPKQNQTEPGPVLVVVDRSQR
EWNDFSYFVVDHDGELDFQWFETKPEFPILGKVIILVRPRRILDENVTKDSWQIDE
;
_entity_poly.pdbx_strand_id   A
#
# COMPACT_ATOMS: atom_id res chain seq x y z
N ASN A 31 25.46 -13.95 -8.92
CA ASN A 31 24.71 -15.10 -9.41
C ASN A 31 24.92 -15.27 -10.90
N GLU A 32 23.95 -15.89 -11.57
CA GLU A 32 23.97 -16.08 -13.01
C GLU A 32 22.67 -15.67 -13.67
N LEU A 33 21.53 -15.89 -13.02
CA LEU A 33 20.25 -15.47 -13.54
C LEU A 33 19.89 -14.06 -13.11
N ALA A 34 20.61 -13.51 -12.13
CA ALA A 34 20.48 -12.12 -11.73
C ALA A 34 21.32 -11.17 -12.58
N GLN A 35 22.20 -11.69 -13.44
CA GLN A 35 22.93 -10.84 -14.38
C GLN A 35 22.42 -10.98 -15.82
N GLU A 36 21.74 -12.07 -16.14
CA GLU A 36 21.19 -12.28 -17.47
C GLU A 36 19.84 -11.57 -17.62
N LEU A 37 19.02 -11.58 -16.56
CA LEU A 37 17.78 -10.80 -16.57
C LEU A 37 18.09 -9.31 -16.70
N LEU A 38 19.03 -8.81 -15.90
CA LEU A 38 19.41 -7.41 -15.98
C LEU A 38 19.96 -7.05 -17.35
N ARG A 39 20.64 -8.00 -18.00
CA ARG A 39 21.17 -7.76 -19.34
C ARG A 39 20.05 -7.61 -20.35
N LYS A 40 19.06 -8.51 -20.30
CA LYS A 40 17.89 -8.41 -21.18
C LYS A 40 17.23 -7.04 -21.06
N LEU A 41 17.10 -6.52 -19.84
CA LEU A 41 16.52 -5.20 -19.65
C LEU A 41 17.46 -4.11 -20.18
N ARG A 42 18.77 -4.29 -19.99
CA ARG A 42 19.75 -3.31 -20.45
C ARG A 42 19.70 -3.13 -21.96
N GLN A 43 19.39 -4.21 -22.69
CA GLN A 43 19.24 -4.19 -24.14
C GLN A 43 17.82 -3.90 -24.59
N LYS A 44 16.84 -4.01 -23.71
CA LYS A 44 15.43 -4.06 -24.08
C LYS A 44 15.22 -5.13 -25.15
N GLN A 45 15.48 -6.38 -24.74
CA GLN A 45 15.60 -7.48 -25.69
C GLN A 45 14.24 -7.99 -26.15
N GLY A 46 13.40 -8.42 -25.21
CA GLY A 46 12.12 -9.03 -25.54
C GLY A 46 11.04 -8.00 -25.84
N ASN A 47 9.80 -8.38 -25.58
CA ASN A 47 8.72 -7.41 -25.55
C ASN A 47 8.56 -6.87 -24.14
N TRP A 48 7.79 -5.79 -24.01
CA TRP A 48 7.72 -5.10 -22.72
C TRP A 48 7.09 -5.99 -21.65
N VAL A 49 6.22 -6.92 -22.06
CA VAL A 49 5.63 -7.85 -21.10
C VAL A 49 6.74 -8.66 -20.41
N GLU A 50 7.69 -9.16 -21.20
CA GLU A 50 8.85 -9.86 -20.65
C GLU A 50 9.58 -8.98 -19.65
N TRP A 51 9.83 -7.72 -20.02
CA TRP A 51 10.53 -6.80 -19.13
C TRP A 51 9.81 -6.69 -17.79
N GLY A 52 8.47 -6.54 -17.83
CA GLY A 52 7.71 -6.42 -16.60
C GLY A 52 7.86 -7.63 -15.70
N GLN A 53 7.95 -8.82 -16.29
CA GLN A 53 8.15 -10.02 -15.49
C GLN A 53 9.58 -10.13 -15.00
N ALA A 54 10.55 -9.74 -15.83
CA ALA A 54 11.94 -9.71 -15.36
C ALA A 54 12.08 -8.75 -14.19
N ILE A 55 11.43 -7.59 -14.26
CA ILE A 55 11.51 -6.62 -13.17
C ILE A 55 10.74 -7.11 -11.96
N ALA A 56 9.66 -7.87 -12.16
CA ALA A 56 9.05 -8.60 -11.05
C ALA A 56 10.07 -9.53 -10.40
N SER A 57 10.78 -10.30 -11.24
CA SER A 57 11.68 -11.34 -10.72
C SER A 57 12.86 -10.75 -9.95
N LEU A 58 13.24 -9.50 -10.27
CA LEU A 58 14.36 -8.90 -9.55
C LEU A 58 13.94 -8.33 -8.20
N GLN A 59 12.76 -7.72 -8.14
CA GLN A 59 12.21 -7.30 -6.85
C GLN A 59 11.96 -8.50 -5.96
N LYS A 60 11.35 -9.54 -6.52
CA LYS A 60 11.17 -10.81 -5.82
C LYS A 60 12.47 -11.26 -5.16
N SER A 61 13.61 -11.00 -5.83
CA SER A 61 14.91 -11.47 -5.35
C SER A 61 15.80 -10.32 -4.87
N GLY A 62 15.21 -9.26 -4.34
CA GLY A 62 15.93 -8.31 -3.50
C GLY A 62 16.30 -6.97 -4.12
N TYR A 63 16.21 -6.83 -5.44
CA TYR A 63 16.66 -5.61 -6.10
C TYR A 63 15.62 -4.51 -5.97
N ASN A 64 16.02 -3.36 -5.41
CA ASN A 64 15.09 -2.25 -5.34
C ASN A 64 15.14 -1.44 -6.63
N PRO A 65 14.11 -0.59 -6.87
CA PRO A 65 14.09 0.25 -8.07
C PRO A 65 15.41 0.93 -8.38
N GLN A 66 16.06 1.48 -7.36
CA GLN A 66 17.30 2.20 -7.59
C GLN A 66 18.41 1.26 -8.04
N ASP A 67 18.47 0.04 -7.48
CA ASP A 67 19.48 -0.92 -7.92
C ASP A 67 19.34 -1.20 -9.41
N ILE A 68 18.11 -1.43 -9.87
CA ILE A 68 17.88 -1.85 -11.24
C ILE A 68 18.25 -0.73 -12.22
N PHE A 69 17.96 0.52 -11.84
CA PHE A 69 18.30 1.65 -12.69
C PHE A 69 19.81 1.83 -12.81
N GLU A 70 20.56 1.47 -11.76
CA GLU A 70 22.01 1.52 -11.86
C GLU A 70 22.51 0.54 -12.93
N ALA A 71 21.99 -0.68 -12.91
CA ALA A 71 22.52 -1.73 -13.77
C ALA A 71 21.97 -1.62 -15.19
N THR A 72 20.65 -1.53 -15.32
CA THR A 72 19.99 -1.33 -16.61
C THR A 72 19.77 0.16 -16.83
N GLY A 73 19.26 0.51 -18.01
CA GLY A 73 18.86 1.89 -18.24
C GLY A 73 17.55 2.27 -17.57
N PHE A 74 16.79 1.26 -17.14
CA PHE A 74 15.38 1.41 -16.79
C PHE A 74 15.17 2.43 -15.67
N GLU A 75 14.46 3.52 -15.98
CA GLU A 75 13.99 4.43 -14.95
C GLU A 75 13.03 3.68 -14.02
N PRO A 76 12.87 4.14 -12.78
CA PRO A 76 11.96 3.46 -11.84
C PRO A 76 10.49 3.78 -12.05
N VAL A 77 10.19 4.87 -12.76
CA VAL A 77 8.82 5.07 -13.23
C VAL A 77 8.46 3.99 -14.23
N GLN A 78 9.30 3.81 -15.26
CA GLN A 78 9.02 2.81 -16.29
C GLN A 78 9.08 1.40 -15.72
N GLN A 79 9.89 1.19 -14.68
CA GLN A 79 9.88 -0.10 -13.99
C GLN A 79 8.49 -0.40 -13.46
N ASN A 80 7.90 0.55 -12.71
CA ASN A 80 6.58 0.35 -12.14
C ASN A 80 5.52 0.17 -13.23
N GLN A 81 5.60 0.97 -14.30
CA GLN A 81 4.61 0.89 -15.37
C GLN A 81 4.57 -0.52 -15.97
N VAL A 82 5.73 -1.14 -16.16
CA VAL A 82 5.75 -2.40 -16.89
C VAL A 82 5.41 -3.59 -16.00
N ILE A 83 5.74 -3.54 -14.70
CA ILE A 83 5.27 -4.59 -13.79
C ILE A 83 3.74 -4.60 -13.79
N VAL A 84 3.14 -3.49 -13.36
CA VAL A 84 1.70 -3.36 -13.33
C VAL A 84 1.11 -3.66 -14.70
N GLY A 85 1.68 -3.04 -15.74
CA GLY A 85 1.23 -3.30 -17.10
C GLY A 85 1.17 -4.77 -17.42
N SER A 86 2.20 -5.52 -17.05
CA SER A 86 2.21 -6.96 -17.32
C SER A 86 1.19 -7.68 -16.44
N GLN A 87 0.99 -7.21 -15.20
CA GLN A 87 -0.08 -7.77 -14.38
C GLN A 87 -1.42 -7.62 -15.07
N VAL A 88 -1.66 -6.46 -15.69
CA VAL A 88 -2.87 -6.25 -16.45
C VAL A 88 -2.91 -7.18 -17.65
N TYR A 89 -1.82 -7.22 -18.43
CA TYR A 89 -1.76 -8.11 -19.57
C TYR A 89 -2.06 -9.55 -19.17
N ASN A 90 -1.62 -9.94 -17.97
CA ASN A 90 -1.94 -11.27 -17.46
C ASN A 90 -3.45 -11.46 -17.33
N SER A 91 -4.14 -10.45 -16.78
CA SER A 91 -5.59 -10.50 -16.70
C SER A 91 -6.22 -10.53 -18.08
N LEU A 92 -5.61 -9.84 -19.06
CA LEU A 92 -6.10 -9.91 -20.42
C LEU A 92 -6.04 -11.33 -20.96
N GLU A 93 -5.03 -12.09 -20.55
CA GLU A 93 -4.93 -13.49 -20.96
C GLU A 93 -5.93 -14.35 -20.19
N LYS A 94 -5.82 -14.35 -18.86
CA LYS A 94 -6.65 -15.24 -18.05
C LYS A 94 -8.14 -15.04 -18.32
N SER A 95 -8.58 -13.79 -18.37
CA SER A 95 -10.01 -13.47 -18.45
C SER A 95 -10.49 -13.25 -19.88
N GLY A 96 -9.77 -13.78 -20.87
CA GLY A 96 -10.35 -14.04 -22.18
C GLY A 96 -10.59 -12.88 -23.14
N ALA A 97 -9.59 -12.04 -23.36
CA ALA A 97 -9.71 -11.02 -24.39
C ALA A 97 -9.36 -11.61 -25.75
N SER A 98 -9.63 -10.84 -26.80
CA SER A 98 -9.42 -11.31 -28.16
C SER A 98 -7.95 -11.63 -28.40
N ALA A 99 -7.70 -12.61 -29.28
CA ALA A 99 -6.33 -12.95 -29.63
C ALA A 99 -5.67 -11.82 -30.43
N ALA A 100 -6.46 -11.02 -31.15
CA ALA A 100 -5.90 -9.86 -31.84
C ALA A 100 -5.43 -8.81 -30.84
N THR A 101 -6.21 -8.59 -29.78
CA THR A 101 -5.82 -7.67 -28.72
C THR A 101 -4.46 -8.05 -28.14
N LEU A 102 -4.30 -9.31 -27.76
CA LEU A 102 -3.06 -9.75 -27.13
C LEU A 102 -1.87 -9.55 -28.07
N ALA A 103 -2.08 -9.76 -29.37
CA ALA A 103 -0.99 -9.54 -30.31
C ALA A 103 -0.53 -8.08 -30.26
N HIS A 104 -1.47 -7.15 -30.13
CA HIS A 104 -1.12 -5.74 -30.13
C HIS A 104 -0.48 -5.33 -28.81
N TYR A 105 -1.06 -5.74 -27.70
CA TYR A 105 -0.58 -5.35 -26.38
C TYR A 105 0.62 -6.17 -25.91
N ALA A 106 0.98 -7.23 -26.65
CA ALA A 106 2.19 -7.98 -26.30
C ALA A 106 3.44 -7.15 -26.52
N THR A 107 3.45 -6.32 -27.56
CA THR A 107 4.64 -5.53 -27.90
C THR A 107 4.46 -4.04 -27.73
N ARG A 108 3.24 -3.55 -27.58
CA ARG A 108 2.99 -2.11 -27.50
C ARG A 108 1.99 -1.85 -26.39
N GLY A 109 1.87 -0.58 -26.01
CA GLY A 109 0.80 -0.15 -25.12
C GLY A 109 0.92 -0.51 -23.65
N SER A 110 2.13 -0.42 -23.08
CA SER A 110 2.27 -0.61 -21.65
C SER A 110 1.66 0.56 -20.89
N ASP A 111 1.88 1.79 -21.37
CA ASP A 111 1.30 2.97 -20.73
C ASP A 111 -0.21 2.91 -20.71
N VAL A 112 -0.81 2.25 -21.69
CA VAL A 112 -2.26 2.15 -21.77
C VAL A 112 -2.79 1.13 -20.77
N LEU A 113 -2.22 -0.08 -20.77
CA LEU A 113 -2.66 -1.12 -19.84
C LEU A 113 -2.44 -0.69 -18.39
N TYR A 114 -1.42 0.13 -18.14
CA TYR A 114 -1.16 0.61 -16.79
C TYR A 114 -2.35 1.39 -16.23
N GLU A 115 -3.07 2.11 -17.11
CA GLU A 115 -4.18 2.90 -16.63
C GLU A 115 -5.43 2.08 -16.36
N LEU A 116 -5.43 0.78 -16.69
CA LEU A 116 -6.54 -0.10 -16.36
C LEU A 116 -6.30 -0.88 -15.08
N ARG A 117 -5.35 -0.42 -14.24
CA ARG A 117 -4.88 -1.24 -13.12
C ARG A 117 -5.95 -1.40 -12.05
N LEU A 118 -6.75 -0.36 -11.80
CA LEU A 118 -7.72 -0.40 -10.73
C LEU A 118 -8.95 -1.22 -11.08
N LEU A 119 -9.07 -1.70 -12.32
CA LEU A 119 -10.20 -2.52 -12.70
C LEU A 119 -10.01 -3.95 -12.18
N THR A 120 -11.04 -4.76 -12.35
CA THR A 120 -10.96 -6.17 -12.02
C THR A 120 -10.49 -6.95 -13.24
N HIS A 121 -10.01 -8.17 -12.98
CA HIS A 121 -9.54 -9.06 -14.05
C HIS A 121 -10.54 -9.12 -15.20
N GLU A 122 -11.82 -9.34 -14.86
CA GLU A 122 -12.83 -9.52 -15.90
C GLU A 122 -13.11 -8.22 -16.66
N GLU A 123 -13.20 -7.09 -15.96
CA GLU A 123 -13.44 -5.82 -16.63
C GLU A 123 -12.16 -5.19 -17.16
N ARG A 124 -11.01 -5.84 -16.96
CA ARG A 124 -9.80 -5.46 -17.66
C ARG A 124 -9.78 -6.01 -19.08
N ALA A 125 -10.10 -7.30 -19.22
CA ALA A 125 -10.15 -7.91 -20.55
C ALA A 125 -11.17 -7.19 -21.43
N ALA A 126 -12.33 -6.83 -20.87
CA ALA A 126 -13.31 -6.05 -21.61
C ALA A 126 -12.72 -4.71 -22.03
N ALA A 127 -12.13 -3.98 -21.09
CA ALA A 127 -11.55 -2.68 -21.41
C ALA A 127 -10.43 -2.81 -22.42
N GLY A 128 -9.63 -3.87 -22.31
CA GLY A 128 -8.51 -4.04 -23.24
C GLY A 128 -8.99 -4.28 -24.66
N ASP A 129 -10.00 -5.12 -24.82
CA ASP A 129 -10.65 -5.28 -26.12
C ASP A 129 -11.14 -3.94 -26.64
N LEU A 130 -11.67 -3.09 -25.76
CA LEU A 130 -12.21 -1.80 -26.18
C LEU A 130 -11.09 -0.85 -26.58
N THR A 131 -9.99 -0.82 -25.82
CA THR A 131 -8.94 0.15 -26.11
C THR A 131 -8.17 -0.23 -27.37
N PHE A 132 -8.04 -1.53 -27.64
CA PHE A 132 -7.51 -1.97 -28.92
C PHE A 132 -8.41 -1.50 -30.05
N THR A 133 -9.71 -1.80 -29.94
CA THR A 133 -10.66 -1.51 -30.99
C THR A 133 -10.62 -0.05 -31.42
N HIS A 134 -10.62 0.85 -30.44
CA HIS A 134 -10.63 2.28 -30.72
C HIS A 134 -9.24 2.90 -30.74
N LYS A 135 -8.18 2.07 -30.79
CA LYS A 135 -6.78 2.50 -30.88
C LYS A 135 -6.53 3.74 -30.03
N VAL A 136 -6.50 3.56 -28.72
CA VAL A 136 -6.68 4.63 -27.74
C VAL A 136 -5.36 4.94 -27.06
N ASP A 137 -5.08 6.22 -26.82
CA ASP A 137 -3.87 6.56 -26.12
C ASP A 137 -4.11 6.51 -24.60
N ALA A 138 -3.01 6.67 -23.85
CA ALA A 138 -3.05 6.34 -22.42
C ALA A 138 -3.92 7.32 -21.64
N ASP A 139 -3.90 8.60 -22.01
CA ASP A 139 -4.80 9.57 -21.39
C ASP A 139 -6.26 9.16 -21.56
N GLU A 140 -6.66 8.85 -22.79
CA GLU A 140 -8.05 8.49 -23.04
C GLU A 140 -8.42 7.18 -22.35
N ALA A 141 -7.45 6.26 -22.23
CA ALA A 141 -7.71 5.00 -21.54
C ALA A 141 -7.84 5.19 -20.03
N ARG A 142 -7.17 6.22 -19.49
CA ARG A 142 -7.39 6.56 -18.09
C ARG A 142 -8.84 6.94 -17.85
N GLU A 143 -9.46 7.64 -18.80
CA GLU A 143 -10.86 8.03 -18.64
C GLU A 143 -11.81 6.89 -18.94
N ILE A 144 -11.46 6.04 -19.91
CA ILE A 144 -12.25 4.82 -20.15
C ILE A 144 -12.34 4.00 -18.88
N ALA A 145 -11.22 3.88 -18.16
CA ALA A 145 -11.19 3.10 -16.92
C ALA A 145 -12.03 3.77 -15.84
N LYS A 146 -11.94 5.10 -15.72
CA LYS A 146 -12.80 5.82 -14.80
C LYS A 146 -14.27 5.57 -15.11
N ALA A 147 -14.63 5.56 -16.40
CA ALA A 147 -16.01 5.32 -16.80
C ALA A 147 -16.46 3.92 -16.39
N ILE A 148 -15.61 2.92 -16.62
CA ILE A 148 -16.00 1.53 -16.36
C ILE A 148 -16.24 1.30 -14.87
N LYS A 149 -15.46 1.96 -14.00
CA LYS A 149 -15.68 1.78 -12.58
C LYS A 149 -16.92 2.51 -12.09
N ASP A 150 -17.09 3.78 -12.52
CA ASP A 150 -18.30 4.52 -12.16
C ASP A 150 -19.55 3.75 -12.57
N PHE A 151 -19.49 3.06 -13.70
CA PHE A 151 -20.68 2.41 -14.24
C PHE A 151 -21.00 1.09 -13.54
N SER A 152 -20.00 0.44 -12.95
CA SER A 152 -20.22 -0.82 -12.25
C SER A 152 -20.69 -0.62 -10.81
N ARG A 153 -20.96 0.61 -10.38
CA ARG A 153 -21.55 0.87 -9.09
C ARG A 153 -23.08 0.90 -9.17
N PHE A 154 -23.64 0.35 -10.24
CA PHE A 154 -25.08 0.21 -10.44
C PHE A 154 -25.45 -1.25 -10.32
N ARG A 155 -26.28 -1.58 -9.33
CA ARG A 155 -26.95 -2.88 -9.38
C ARG A 155 -28.04 -2.86 -10.45
N ILE A 156 -28.95 -1.88 -10.37
CA ILE A 156 -29.85 -1.60 -11.47
C ILE A 156 -29.19 -0.58 -12.40
N LEU A 157 -29.08 -0.94 -13.67
CA LEU A 157 -28.35 -0.16 -14.66
C LEU A 157 -29.21 1.00 -15.16
N PRO A 158 -28.59 2.08 -15.66
CA PRO A 158 -29.37 3.15 -16.27
C PRO A 158 -30.24 2.64 -17.42
N GLU A 159 -31.37 3.32 -17.63
CA GLU A 159 -32.31 2.90 -18.65
C GLU A 159 -31.69 3.03 -20.03
N GLY A 160 -31.60 1.89 -20.74
CA GLY A 160 -31.09 1.86 -22.09
C GLY A 160 -29.65 1.42 -22.22
N PHE A 161 -28.90 1.33 -21.13
CA PHE A 161 -27.48 1.03 -21.18
C PHE A 161 -27.20 -0.37 -20.63
N SER A 162 -26.31 -1.09 -21.32
CA SER A 162 -25.86 -2.40 -20.86
C SER A 162 -24.52 -2.26 -20.15
N ASN A 163 -23.96 -3.39 -19.72
CA ASN A 163 -22.72 -3.40 -18.96
C ASN A 163 -21.49 -3.60 -19.85
N HIS A 164 -21.67 -3.64 -21.17
CA HIS A 164 -20.53 -3.65 -22.06
C HIS A 164 -19.79 -2.33 -21.92
N PRO A 165 -18.46 -2.34 -21.81
CA PRO A 165 -17.73 -1.09 -21.54
C PRO A 165 -17.98 0.00 -22.57
N GLY A 166 -18.40 -0.35 -23.79
CA GLY A 166 -18.75 0.66 -24.76
C GLY A 166 -19.94 1.49 -24.31
N ASP A 167 -20.99 0.82 -23.83
CA ASP A 167 -22.12 1.52 -23.23
C ASP A 167 -21.67 2.34 -22.02
N ALA A 168 -20.75 1.81 -21.22
CA ALA A 168 -20.32 2.51 -20.01
C ALA A 168 -19.63 3.82 -20.36
N VAL A 169 -18.69 3.79 -21.31
CA VAL A 169 -18.05 5.03 -21.72
C VAL A 169 -19.02 5.90 -22.51
N ALA A 170 -20.05 5.30 -23.11
CA ALA A 170 -21.09 6.08 -23.75
C ALA A 170 -22.02 6.69 -22.70
N TYR A 171 -22.30 5.97 -21.62
CA TYR A 171 -23.06 6.55 -20.53
C TYR A 171 -22.34 7.74 -19.93
N GLN A 172 -21.00 7.65 -19.85
CA GLN A 172 -20.20 8.78 -19.41
C GLN A 172 -20.33 9.95 -20.38
N ALA A 173 -20.26 9.68 -21.69
CA ALA A 173 -20.45 10.76 -22.67
C ALA A 173 -21.84 11.37 -22.55
N TRP A 174 -22.84 10.54 -22.21
CA TRP A 174 -24.20 11.02 -22.07
C TRP A 174 -24.32 12.00 -20.90
N LYS A 175 -23.93 11.56 -19.71
CA LYS A 175 -24.09 12.35 -18.49
C LYS A 175 -23.26 13.63 -18.53
N LEU A 176 -22.13 13.61 -19.24
CA LEU A 176 -21.30 14.80 -19.37
C LEU A 176 -21.90 15.81 -20.36
N ALA A 177 -22.45 15.32 -21.48
CA ALA A 177 -23.00 16.22 -22.49
C ALA A 177 -24.20 16.99 -21.95
N ARG A 178 -24.97 16.38 -21.04
CA ARG A 178 -26.16 17.05 -20.51
C ARG A 178 -25.81 18.24 -19.65
N GLN A 179 -24.66 18.20 -18.96
CA GLN A 179 -24.28 19.30 -18.07
C GLN A 179 -23.98 20.55 -18.87
N TYR A 180 -23.15 20.43 -19.92
CA TYR A 180 -23.08 21.48 -20.90
C TYR A 180 -24.46 21.72 -21.49
N SER A 181 -24.78 22.99 -21.75
CA SER A 181 -25.99 23.33 -22.48
C SER A 181 -25.73 24.23 -23.67
N ASP A 182 -24.47 24.55 -23.96
CA ASP A 182 -24.17 25.72 -24.77
C ASP A 182 -23.59 25.41 -26.15
N LEU A 183 -22.54 24.59 -26.24
CA LEU A 183 -21.66 24.69 -27.38
C LEU A 183 -21.75 23.51 -28.34
N GLN A 184 -20.74 23.40 -29.20
CA GLN A 184 -20.43 22.22 -30.00
C GLN A 184 -19.72 21.15 -29.19
N GLU A 185 -19.42 21.42 -27.91
CA GLU A 185 -18.91 20.38 -27.03
C GLU A 185 -19.95 19.30 -26.82
N ARG A 186 -21.23 19.69 -26.75
CA ARG A 186 -22.32 18.71 -26.74
C ARG A 186 -22.21 17.77 -27.94
N SER A 187 -22.00 18.34 -29.13
CA SER A 187 -21.88 17.52 -30.33
C SER A 187 -20.68 16.60 -30.25
N ARG A 188 -19.51 17.16 -29.90
CA ARG A 188 -18.30 16.36 -29.74
C ARG A 188 -18.53 15.18 -28.80
N LEU A 189 -19.22 15.43 -27.68
CA LEU A 189 -19.47 14.35 -26.72
C LEU A 189 -20.53 13.39 -27.23
N ILE A 190 -21.53 13.90 -27.94
CA ILE A 190 -22.54 13.03 -28.56
C ILE A 190 -21.88 12.10 -29.56
N ALA A 191 -20.93 12.63 -30.35
CA ALA A 191 -20.20 11.80 -31.29
C ALA A 191 -19.45 10.69 -30.56
N ARG A 192 -18.74 11.05 -29.49
CA ARG A 192 -18.02 10.07 -28.69
C ARG A 192 -18.93 8.93 -28.24
N GLY A 193 -20.04 9.28 -27.60
CA GLY A 193 -20.99 8.26 -27.16
C GLY A 193 -21.44 7.34 -28.28
N LEU A 194 -21.64 7.88 -29.48
CA LEU A 194 -22.08 7.06 -30.60
C LEU A 194 -20.93 6.19 -31.12
N ARG A 195 -19.70 6.72 -31.10
CA ARG A 195 -18.54 5.92 -31.47
C ARG A 195 -18.43 4.68 -30.62
N PHE A 196 -18.63 4.82 -29.30
CA PHE A 196 -18.30 3.77 -28.34
C PHE A 196 -19.46 2.82 -28.06
N ALA A 197 -20.69 3.34 -28.03
CA ALA A 197 -21.83 2.56 -27.55
C ALA A 197 -21.94 1.21 -28.25
N HIS A 198 -22.29 0.20 -27.47
CA HIS A 198 -22.42 -1.19 -27.91
C HIS A 198 -23.85 -1.53 -28.32
N SER A 199 -24.84 -1.12 -27.53
CA SER A 199 -26.22 -1.50 -27.76
C SER A 199 -26.98 -0.42 -28.55
N GLU A 200 -28.04 -0.86 -29.25
CA GLU A 200 -28.91 0.06 -29.96
C GLU A 200 -29.65 0.96 -29.00
N THR A 201 -30.08 0.41 -27.86
CA THR A 201 -30.84 1.18 -26.88
C THR A 201 -30.05 2.37 -26.37
N ALA A 202 -28.72 2.21 -26.24
CA ALA A 202 -27.89 3.30 -25.71
C ALA A 202 -27.62 4.35 -26.78
N ARG A 203 -27.47 3.91 -28.03
CA ARG A 203 -27.34 4.84 -29.14
C ARG A 203 -28.52 5.81 -29.22
N LYS A 204 -29.74 5.30 -29.00
CA LYS A 204 -30.92 6.16 -29.08
C LYS A 204 -31.07 7.03 -27.85
N GLN A 205 -30.70 6.52 -26.67
CA GLN A 205 -30.62 7.36 -25.48
C GLN A 205 -29.75 8.57 -25.73
N ILE A 206 -28.70 8.41 -26.54
CA ILE A 206 -27.78 9.50 -26.81
C ILE A 206 -28.28 10.36 -27.96
N GLU A 207 -28.87 9.73 -28.99
CA GLU A 207 -29.45 10.49 -30.10
C GLU A 207 -30.47 11.51 -29.61
N GLN A 208 -31.14 11.23 -28.48
CA GLN A 208 -32.18 12.12 -27.97
C GLN A 208 -31.66 13.50 -27.64
N LEU A 209 -30.36 13.62 -27.35
CA LEU A 209 -29.75 14.89 -26.94
C LEU A 209 -29.54 15.85 -28.10
N LEU A 210 -29.78 15.41 -29.33
CA LEU A 210 -29.82 16.32 -30.47
C LEU A 210 -31.17 17.00 -30.59
N VAL A 211 -32.23 16.35 -30.09
CA VAL A 211 -33.52 17.00 -29.98
C VAL A 211 -33.64 17.76 -28.68
N ASP A 212 -33.28 17.11 -27.57
CA ASP A 212 -33.57 17.60 -26.23
C ASP A 212 -32.40 18.41 -25.70
N PHE A 213 -32.59 19.73 -25.56
CA PHE A 213 -31.59 20.64 -25.02
C PHE A 213 -32.05 21.15 -23.66
N THR A 214 -31.71 20.40 -22.60
CA THR A 214 -31.87 20.88 -21.24
C THR A 214 -30.60 20.58 -20.45
N VAL A 215 -30.39 21.33 -19.37
CA VAL A 215 -29.33 21.00 -18.42
C VAL A 215 -29.83 19.92 -17.47
N VAL A 216 -28.95 18.97 -17.18
CA VAL A 216 -28.96 18.27 -15.90
C VAL A 216 -27.53 18.35 -15.39
N SER A 217 -27.28 19.29 -14.49
CA SER A 217 -25.97 19.39 -13.87
C SER A 217 -25.86 18.40 -12.72
N GLN A 218 -24.63 18.02 -12.41
CA GLN A 218 -24.36 17.05 -11.36
C GLN A 218 -23.56 17.69 -10.25
N ARG A 219 -23.79 17.23 -9.04
CA ARG A 219 -23.05 17.75 -7.89
C ARG A 219 -21.63 17.18 -7.90
N PRO A 220 -20.64 17.97 -7.49
CA PRO A 220 -19.28 17.43 -7.38
C PRO A 220 -19.14 16.52 -6.18
N ALA A 221 -18.21 15.58 -6.29
CA ALA A 221 -18.02 14.58 -5.24
C ALA A 221 -17.53 15.24 -3.96
N PRO A 222 -17.89 14.69 -2.80
CA PRO A 222 -17.44 15.27 -1.53
C PRO A 222 -15.94 15.18 -1.38
N ILE A 223 -15.37 16.19 -0.72
CA ILE A 223 -13.95 16.21 -0.41
C ILE A 223 -13.68 15.12 0.61
N PRO A 224 -12.82 14.15 0.30
CA PRO A 224 -12.59 13.03 1.23
C PRO A 224 -11.84 13.48 2.47
N PRO A 225 -11.92 12.73 3.57
CA PRO A 225 -11.38 13.19 4.87
C PRO A 225 -9.87 12.99 5.03
N PHE A 226 -9.09 13.94 4.51
CA PHE A 226 -7.65 13.82 4.50
C PHE A 226 -7.04 14.34 5.79
N PHE A 227 -6.09 13.57 6.32
CA PHE A 227 -5.24 13.96 7.44
C PHE A 227 -3.81 14.00 6.95
N ARG A 228 -3.01 14.90 7.49
CA ARG A 228 -1.57 14.91 7.22
C ARG A 228 -0.81 14.59 8.49
N PHE A 229 0.08 13.61 8.43
CA PHE A 229 1.04 13.42 9.50
C PHE A 229 1.86 14.69 9.68
N ASP A 230 1.78 15.28 10.87
CA ASP A 230 2.43 16.55 11.12
C ASP A 230 3.95 16.39 11.10
N THR A 231 4.63 17.20 10.29
CA THR A 231 6.08 17.14 10.25
C THR A 231 6.68 17.47 11.61
N GLU A 232 6.04 18.37 12.36
CA GLU A 232 6.71 18.99 13.49
C GLU A 232 6.64 18.19 14.79
N ASP A 233 5.74 17.22 14.92
CA ASP A 233 5.81 16.34 16.09
C ASP A 233 5.96 14.89 15.65
N GLU A 234 6.23 14.04 16.65
CA GLU A 234 6.72 12.68 16.44
C GLU A 234 5.59 11.66 16.42
N LEU A 235 5.81 10.59 15.66
CA LEU A 235 4.83 9.54 15.48
C LEU A 235 4.93 8.51 16.59
N PRO A 236 3.84 7.81 16.90
CA PRO A 236 3.90 6.77 17.92
C PRO A 236 4.66 5.56 17.43
N ARG A 237 5.06 4.71 18.39
CA ARG A 237 5.78 3.49 18.10
C ARG A 237 5.10 2.34 18.79
N ILE A 238 4.84 1.28 18.03
CA ILE A 238 4.24 0.06 18.56
C ILE A 238 5.36 -0.82 19.12
N VAL A 239 5.16 -1.35 20.31
CA VAL A 239 6.21 -2.07 21.03
C VAL A 239 5.66 -3.42 21.48
N PRO A 240 6.42 -4.50 21.34
CA PRO A 240 5.92 -5.81 21.78
C PRO A 240 5.87 -5.91 23.28
N VAL A 241 5.00 -6.78 23.77
CA VAL A 241 4.82 -6.99 25.20
C VAL A 241 5.06 -8.47 25.50
N VAL A 242 6.09 -8.74 26.32
CA VAL A 242 6.39 -10.13 26.75
C VAL A 242 5.27 -10.66 27.65
N GLY A 243 5.04 -10.02 28.82
CA GLY A 243 3.99 -10.44 29.76
C GLY A 243 4.17 -9.82 31.14
N GLN A 244 3.30 -10.14 32.11
CA GLN A 244 3.45 -9.56 33.44
C GLN A 244 4.51 -10.35 34.21
N LEU A 245 5.55 -9.65 34.67
CA LEU A 245 6.41 -10.13 35.73
C LEU A 245 5.54 -10.71 36.83
N PRO A 246 5.81 -11.93 37.35
CA PRO A 246 7.01 -12.76 37.17
C PRO A 246 7.10 -13.44 35.81
N LEU A 247 8.32 -13.47 35.27
CA LEU A 247 8.56 -13.98 33.93
C LEU A 247 9.92 -14.65 33.90
N LYS A 248 10.11 -15.48 32.88
CA LYS A 248 11.33 -16.27 32.74
C LYS A 248 12.22 -15.69 31.65
N ALA A 249 13.52 -15.85 31.83
CA ALA A 249 14.49 -15.28 30.89
C ALA A 249 14.23 -15.79 29.47
N GLU A 250 13.74 -17.02 29.35
CA GLU A 250 13.45 -17.59 28.04
C GLU A 250 12.31 -16.83 27.36
N GLU A 251 11.32 -16.38 28.14
CA GLU A 251 10.17 -15.69 27.57
C GLU A 251 10.59 -14.39 26.87
N LEU A 252 11.53 -13.65 27.45
CA LEU A 252 12.00 -12.42 26.81
C LEU A 252 12.81 -12.71 25.56
N LYS A 253 13.66 -13.74 25.60
CA LYS A 253 14.53 -14.01 24.47
C LYS A 253 13.77 -14.65 23.31
N ALA A 254 12.57 -15.17 23.55
CA ALA A 254 11.75 -15.72 22.49
C ALA A 254 10.97 -14.67 21.71
N VAL A 255 11.07 -13.42 22.10
CA VAL A 255 10.31 -12.32 21.46
C VAL A 255 11.15 -11.81 20.30
N PRO A 256 10.68 -11.92 19.06
CA PRO A 256 11.49 -11.47 17.93
C PRO A 256 11.66 -9.96 17.92
N LEU A 257 12.70 -9.51 17.22
CA LEU A 257 12.82 -8.12 16.83
C LEU A 257 11.69 -7.77 15.87
N VAL A 258 11.22 -6.53 15.93
CA VAL A 258 10.12 -6.07 15.10
C VAL A 258 10.67 -5.24 13.94
N GLU A 259 10.19 -5.54 12.74
CA GLU A 259 10.56 -4.84 11.52
C GLU A 259 9.36 -4.00 11.09
N GLU A 260 9.52 -2.69 11.07
CA GLU A 260 8.44 -1.80 10.66
C GLU A 260 8.44 -1.73 9.14
N ILE A 261 7.28 -2.02 8.55
CA ILE A 261 7.15 -2.12 7.10
C ILE A 261 6.77 -0.75 6.55
N GLU A 262 7.70 -0.12 5.82
CA GLU A 262 7.42 1.17 5.22
C GLU A 262 6.36 1.00 4.12
N PRO A 263 5.63 2.07 3.78
CA PRO A 263 5.80 3.47 4.20
C PRO A 263 5.01 3.90 5.45
N PHE A 264 4.18 3.03 6.02
CA PHE A 264 3.31 3.43 7.13
C PHE A 264 3.72 2.81 8.46
N ARG A 265 4.91 2.22 8.54
CA ARG A 265 5.43 1.61 9.77
C ARG A 265 4.48 0.54 10.30
N LEU A 266 4.07 -0.36 9.41
CA LEU A 266 3.23 -1.47 9.81
C LEU A 266 4.04 -2.50 10.58
N VAL A 267 3.31 -3.38 11.26
CA VAL A 267 3.89 -4.50 11.98
C VAL A 267 2.99 -5.71 11.77
N LYS A 268 3.51 -6.72 11.09
CA LYS A 268 2.79 -7.97 10.88
C LYS A 268 3.50 -9.08 11.66
N PHE A 269 2.71 -9.99 12.22
CA PHE A 269 3.28 -11.05 13.03
C PHE A 269 2.35 -12.26 13.06
N SER A 270 2.95 -13.45 13.14
CA SER A 270 2.30 -14.72 12.85
C SER A 270 1.67 -15.39 14.07
N GLY A 271 2.38 -15.44 15.21
CA GLY A 271 1.95 -16.23 16.34
C GLY A 271 1.10 -15.49 17.34
N GLU A 272 1.20 -15.90 18.61
CA GLU A 272 0.55 -15.19 19.70
C GLU A 272 1.44 -14.04 20.16
N GLN A 273 0.87 -12.85 20.31
CA GLN A 273 1.65 -11.71 20.77
C GLN A 273 0.72 -10.66 21.35
N ALA A 274 1.28 -9.82 22.23
CA ALA A 274 0.61 -8.65 22.76
C ALA A 274 1.40 -7.40 22.38
N TRP A 275 0.69 -6.29 22.23
CA TRP A 275 1.25 -5.07 21.66
C TRP A 275 0.79 -3.87 22.48
N VAL A 276 1.59 -2.80 22.43
CA VAL A 276 1.20 -1.51 23.00
C VAL A 276 1.77 -0.39 22.12
N ALA A 277 0.96 0.64 21.93
CA ALA A 277 1.33 1.82 21.14
C ALA A 277 1.67 2.94 22.12
N LEU A 278 2.92 3.35 22.12
CA LEU A 278 3.43 4.38 23.02
C LEU A 278 3.80 5.64 22.25
N PRO A 279 3.87 6.79 22.92
CA PRO A 279 4.22 8.03 22.21
C PRO A 279 5.62 7.96 21.65
N GLY A 280 5.90 8.88 20.72
CA GLY A 280 7.19 8.92 20.07
C GLY A 280 8.27 9.64 20.87
N TRP A 281 8.47 9.21 22.12
CA TRP A 281 9.54 9.80 22.91
C TRP A 281 10.89 9.56 22.26
N GLN A 282 11.80 10.53 22.44
CA GLN A 282 13.10 10.50 21.80
C GLN A 282 13.86 9.21 22.11
N VAL A 283 13.88 8.81 23.38
CA VAL A 283 14.62 7.62 23.76
C VAL A 283 14.00 6.34 23.21
N LEU A 284 12.71 6.38 22.83
CA LEU A 284 12.03 5.18 22.34
C LEU A 284 12.18 5.02 20.83
N LEU A 285 12.06 6.11 20.07
CA LEU A 285 12.43 6.06 18.66
C LEU A 285 13.89 5.63 18.50
N ALA A 286 14.76 6.08 19.42
CA ALA A 286 16.17 5.74 19.32
C ALA A 286 16.40 4.24 19.46
N ALA A 287 15.62 3.59 20.32
CA ALA A 287 15.89 2.21 20.73
C ALA A 287 15.90 1.28 19.52
N GLU A 288 17.01 0.55 19.36
CA GLU A 288 17.13 -0.39 18.23
C GLU A 288 16.17 -1.56 18.39
N ASP A 289 16.06 -2.10 19.60
CA ASP A 289 15.19 -3.25 19.87
C ASP A 289 14.53 -3.08 21.22
N PRO A 290 13.35 -2.47 21.27
CA PRO A 290 12.65 -2.28 22.55
C PRO A 290 11.58 -3.33 22.79
N VAL A 291 11.30 -3.56 24.07
CA VAL A 291 10.35 -4.58 24.53
C VAL A 291 9.70 -4.08 25.80
N THR A 292 8.44 -4.47 26.02
CA THR A 292 7.66 -3.99 27.16
C THR A 292 7.45 -5.09 28.20
N ILE A 293 7.54 -4.72 29.47
CA ILE A 293 7.31 -5.63 30.60
C ILE A 293 6.38 -4.93 31.59
N LEU A 294 5.25 -5.54 31.88
CA LEU A 294 4.35 -5.01 32.91
C LEU A 294 4.81 -5.46 34.28
N ALA A 295 4.79 -4.54 35.24
CA ALA A 295 5.24 -4.83 36.59
C ALA A 295 4.67 -3.78 37.54
N THR A 296 5.24 -3.69 38.74
CA THR A 296 4.79 -2.77 39.77
C THR A 296 5.93 -1.83 40.17
N SER A 297 5.56 -0.69 40.73
CA SER A 297 6.54 0.33 41.08
C SER A 297 7.49 -0.13 42.18
N ASP A 298 7.07 -1.09 43.00
CA ASP A 298 7.93 -1.53 44.10
C ASP A 298 8.98 -2.55 43.66
N ARG A 299 9.10 -2.80 42.36
CA ARG A 299 10.28 -3.46 41.80
C ARG A 299 11.47 -2.53 41.75
N PHE A 300 11.26 -1.23 41.94
CA PHE A 300 12.29 -0.22 41.90
C PHE A 300 12.29 0.54 43.22
N PRO A 301 13.38 1.22 43.55
CA PRO A 301 13.38 2.07 44.75
C PRO A 301 12.16 2.96 44.83
N LYS A 302 11.50 2.97 45.98
CA LYS A 302 10.40 3.89 46.24
C LYS A 302 10.89 5.31 46.04
N GLN A 303 10.19 6.07 45.19
CA GLN A 303 10.66 7.39 44.76
C GLN A 303 10.10 8.54 45.61
N ASN A 304 8.79 8.56 45.82
CA ASN A 304 8.20 9.57 46.68
C ASN A 304 7.36 8.87 47.75
N GLN A 305 6.21 9.43 48.10
CA GLN A 305 5.39 8.79 49.12
C GLN A 305 4.38 7.81 48.53
N THR A 306 4.04 7.93 47.25
CA THR A 306 2.87 7.25 46.72
C THR A 306 3.02 5.73 46.79
N GLU A 307 1.87 5.06 46.83
CA GLU A 307 1.71 3.64 47.07
C GLU A 307 2.04 2.83 45.82
N PRO A 308 2.54 1.60 46.00
CA PRO A 308 2.89 0.76 44.84
C PRO A 308 1.73 0.57 43.87
N GLY A 309 1.95 0.92 42.61
CA GLY A 309 0.96 0.73 41.59
C GLY A 309 1.56 0.06 40.37
N PRO A 310 0.77 -0.09 39.31
CA PRO A 310 1.29 -0.72 38.10
C PRO A 310 2.20 0.23 37.33
N VAL A 311 3.27 -0.33 36.78
CA VAL A 311 4.18 0.43 35.93
C VAL A 311 4.40 -0.35 34.64
N LEU A 312 4.55 0.39 33.55
CA LEU A 312 4.95 -0.16 32.26
C LEU A 312 6.44 0.13 32.06
N VAL A 313 7.20 -0.91 31.74
CA VAL A 313 8.65 -0.84 31.67
C VAL A 313 9.08 -1.14 30.24
N VAL A 314 9.84 -0.24 29.63
CA VAL A 314 10.43 -0.44 28.32
C VAL A 314 11.91 -0.70 28.50
N VAL A 315 12.41 -1.76 27.85
CA VAL A 315 13.83 -2.08 27.86
C VAL A 315 14.31 -2.15 26.42
N ASP A 316 15.52 -1.68 26.19
CA ASP A 316 16.21 -1.89 24.92
C ASP A 316 17.12 -3.11 25.08
N ARG A 317 16.81 -4.19 24.36
CA ARG A 317 17.63 -5.38 24.45
C ARG A 317 19.02 -5.18 23.86
N SER A 318 19.19 -4.19 22.97
CA SER A 318 20.45 -3.91 22.31
C SER A 318 21.31 -2.94 23.09
N GLN A 319 21.06 -2.78 24.39
CA GLN A 319 21.86 -1.92 25.27
C GLN A 319 22.23 -2.77 26.49
N ARG A 320 23.39 -3.41 26.45
CA ARG A 320 23.75 -4.38 27.48
C ARG A 320 25.08 -4.07 28.16
N GLU A 321 25.67 -2.90 27.92
CA GLU A 321 26.93 -2.53 28.56
C GLU A 321 26.63 -1.83 29.89
N TRP A 322 27.24 -2.36 30.96
CA TRP A 322 27.05 -1.90 32.33
C TRP A 322 27.24 -0.39 32.54
N ASN A 323 26.56 0.17 33.54
CA ASN A 323 26.96 1.45 34.11
C ASN A 323 26.20 1.67 35.42
N ASP A 324 26.67 2.64 36.19
CA ASP A 324 26.24 2.82 37.58
C ASP A 324 25.19 3.90 37.76
N PHE A 325 24.51 4.31 36.68
CA PHE A 325 23.45 5.32 36.79
C PHE A 325 22.10 4.82 36.28
N SER A 326 21.96 3.53 35.94
CA SER A 326 20.75 3.06 35.29
C SER A 326 20.41 1.65 35.75
N TYR A 327 19.24 1.19 35.31
CA TYR A 327 18.69 -0.10 35.69
C TYR A 327 18.65 -1.02 34.49
N PHE A 328 18.75 -2.32 34.76
CA PHE A 328 18.84 -3.34 33.71
C PHE A 328 17.97 -4.54 34.06
N VAL A 329 17.58 -5.27 33.02
CA VAL A 329 16.97 -6.59 33.18
C VAL A 329 18.08 -7.61 33.18
N VAL A 330 18.06 -8.52 34.16
CA VAL A 330 19.09 -9.54 34.26
C VAL A 330 18.45 -10.91 34.37
N ASP A 331 19.20 -11.91 33.90
CA ASP A 331 18.85 -13.31 34.07
C ASP A 331 19.23 -13.71 35.50
N HIS A 332 18.25 -13.74 36.41
CA HIS A 332 18.52 -14.17 37.78
C HIS A 332 18.20 -15.65 37.89
N ASP A 333 19.13 -16.47 37.39
CA ASP A 333 18.98 -17.92 37.34
C ASP A 333 17.59 -18.33 36.88
N GLY A 334 17.27 -18.02 35.62
CA GLY A 334 16.03 -18.48 35.02
C GLY A 334 14.85 -17.54 35.12
N GLU A 335 14.96 -16.43 35.83
CA GLU A 335 13.84 -15.48 35.93
C GLU A 335 14.33 -14.05 35.79
N LEU A 336 13.43 -13.19 35.31
CA LEU A 336 13.75 -11.80 35.01
C LEU A 336 13.67 -10.95 36.27
N ASP A 337 14.55 -9.95 36.35
CA ASP A 337 14.65 -9.10 37.53
C ASP A 337 15.27 -7.77 37.14
N PHE A 338 14.77 -6.68 37.72
CA PHE A 338 15.36 -5.36 37.52
C PHE A 338 16.22 -4.99 38.72
N GLN A 339 17.52 -4.76 38.48
CA GLN A 339 18.40 -4.26 39.52
C GLN A 339 19.32 -3.19 38.93
N TRP A 340 20.09 -2.55 39.80
CA TRP A 340 21.14 -1.63 39.41
C TRP A 340 22.47 -2.11 39.96
N PHE A 341 23.56 -1.47 39.54
CA PHE A 341 24.89 -2.01 39.80
C PHE A 341 25.84 -0.89 40.21
N GLU A 342 26.48 -1.05 41.38
CA GLU A 342 27.60 -0.18 41.74
C GLU A 342 28.90 -0.63 41.09
N THR A 343 29.07 -1.92 40.92
CA THR A 343 30.27 -2.50 40.32
C THR A 343 29.89 -3.39 39.16
N LYS A 344 30.75 -3.45 38.13
CA LYS A 344 30.52 -4.28 36.95
C LYS A 344 30.12 -5.67 37.39
N PRO A 345 29.00 -6.18 36.90
CA PRO A 345 28.49 -7.46 37.41
C PRO A 345 29.09 -8.63 36.64
N GLU A 346 29.36 -9.72 37.35
CA GLU A 346 29.71 -10.98 36.71
C GLU A 346 28.39 -11.67 36.37
N PHE A 347 27.76 -11.23 35.28
CA PHE A 347 26.41 -11.65 34.95
C PHE A 347 26.19 -11.48 33.46
N PRO A 348 25.10 -12.05 32.92
CA PRO A 348 24.62 -11.58 31.62
C PRO A 348 23.48 -10.57 31.79
N ILE A 349 23.58 -9.43 31.12
CA ILE A 349 22.52 -8.43 31.11
C ILE A 349 21.67 -8.65 29.86
N LEU A 350 20.36 -8.70 30.03
CA LEU A 350 19.49 -8.94 28.87
C LEU A 350 19.04 -7.66 28.20
N GLY A 351 19.00 -6.55 28.93
CA GLY A 351 18.62 -5.28 28.33
C GLY A 351 18.72 -4.17 29.35
N LYS A 352 18.48 -2.95 28.87
CA LYS A 352 18.56 -1.76 29.73
C LYS A 352 17.21 -1.07 29.78
N VAL A 353 16.83 -0.67 30.98
CA VAL A 353 15.55 0.01 31.22
C VAL A 353 15.65 1.45 30.75
N ILE A 354 14.81 1.82 29.78
CA ILE A 354 14.82 3.17 29.25
C ILE A 354 13.58 3.97 29.64
N ILE A 355 12.46 3.33 29.97
CA ILE A 355 11.22 4.04 30.29
C ILE A 355 10.49 3.32 31.42
N LEU A 356 10.02 4.10 32.40
CA LEU A 356 9.04 3.66 33.39
C LEU A 356 7.86 4.61 33.33
N VAL A 357 6.64 4.07 33.21
CA VAL A 357 5.45 4.89 33.14
C VAL A 357 4.29 4.20 33.87
N ARG A 358 3.62 4.97 34.74
CA ARG A 358 2.40 4.66 35.46
C ARG A 358 1.19 4.86 34.56
N PRO A 359 0.04 4.24 34.89
CA PRO A 359 -1.14 4.37 34.03
C PRO A 359 -1.65 5.81 34.01
N ARG A 360 -2.30 6.17 32.89
CA ARG A 360 -2.82 7.52 32.68
C ARG A 360 -3.80 7.87 33.78
N ARG A 361 -3.88 9.15 34.11
CA ARG A 361 -4.65 9.59 35.26
C ARG A 361 -6.15 9.46 35.01
N ILE A 362 -6.88 9.14 36.08
CA ILE A 362 -8.32 8.85 36.12
C ILE A 362 -9.06 8.89 34.77
#